data_1Y1Z
#
_entry.id   1Y1Z
#
_cell.length_a   41.548
_cell.length_b   72.680
_cell.length_c   96.614
_cell.angle_alpha   90.00
_cell.angle_beta   90.00
_cell.angle_gamma   90.00
#
_symmetry.space_group_name_H-M   'P 21 21 21'
#
loop_
_entity.id
_entity.type
_entity.pdbx_description
1 polymer 'Glutamate [NMDA] receptor subunit zeta 1'
2 non-polymer '1-AMINOCYCLOBUTANECARBOXLIC ACID'
3 water water
#
_entity_poly.entity_id   1
_entity_poly.type   'polypeptide(L)'
_entity_poly.pdbx_seq_one_letter_code
;GMSTRLKIVTIHQEPFVYVKPTMSDGTCKEEFTVNGDPVKKVICTGPNDTSPGSPRHTVPQCCYGFCIDLLIKLARTMNF
TYEVHLVADGKFGTQERVNNSNKKEWNGMMGELLSGQADMIVAPLTINNERAQYIEFSKPFKYQGLTILVKKGTRITGIN
DPRLRNPSDKFIYATVKQSSVDIYFRRQVELSTMYRHMEKHNYESAAEAIQAVRDNKLHAFIWDSAVLEFEASQKCDLVT
TGELFFRSGFGIGMRKDSPWKQNVSLSILKSHENGFMEDLDKTWVRYQECDS
;
_entity_poly.pdbx_strand_id   A
#
# COMPACT_ATOMS: atom_id res chain seq x y z
N ARG A 5 -22.84 -2.67 9.97
CA ARG A 5 -21.41 -2.22 10.09
C ARG A 5 -20.59 -2.74 8.93
N LEU A 6 -19.93 -1.83 8.22
CA LEU A 6 -19.10 -2.23 7.09
C LEU A 6 -17.82 -2.92 7.52
N LYS A 7 -17.46 -3.96 6.79
CA LYS A 7 -16.23 -4.68 7.04
C LYS A 7 -15.19 -4.02 6.15
N ILE A 8 -14.25 -3.34 6.79
CA ILE A 8 -13.18 -2.64 6.09
C ILE A 8 -11.92 -3.48 6.13
N VAL A 9 -11.29 -3.68 4.98
CA VAL A 9 -10.04 -4.43 4.96
C VAL A 9 -8.92 -3.47 4.62
N THR A 10 -7.79 -3.65 5.28
CA THR A 10 -6.64 -2.80 5.02
C THR A 10 -5.37 -3.64 5.08
N ILE A 11 -4.21 -2.99 5.05
CA ILE A 11 -2.94 -3.70 5.04
C ILE A 11 -1.87 -2.84 5.68
N HIS A 12 -0.88 -3.46 6.31
CA HIS A 12 0.20 -2.71 6.92
C HIS A 12 0.99 -2.02 5.80
N GLN A 13 1.14 -0.70 5.88
CA GLN A 13 1.88 0.04 4.86
C GLN A 13 2.12 1.46 5.35
N GLU A 14 3.22 1.67 6.05
CA GLU A 14 3.54 3.00 6.55
C GLU A 14 3.81 3.93 5.37
N PRO A 15 3.40 5.21 5.47
CA PRO A 15 2.71 5.90 6.57
C PRO A 15 1.18 5.89 6.47
N PHE A 16 0.63 5.06 5.59
CA PHE A 16 -0.81 5.01 5.41
C PHE A 16 -1.49 4.19 6.48
N VAL A 17 -0.86 3.08 6.84
CA VAL A 17 -1.40 2.23 7.89
C VAL A 17 -0.28 1.65 8.73
N TYR A 18 -0.22 2.11 9.98
CA TYR A 18 0.74 1.59 10.95
C TYR A 18 0.00 0.52 11.72
N VAL A 19 0.69 -0.55 12.08
CA VAL A 19 0.07 -1.64 12.86
C VAL A 19 0.98 -1.92 14.05
N LYS A 20 0.42 -1.79 15.26
CA LYS A 20 1.20 -2.04 16.47
C LYS A 20 0.43 -2.91 17.45
N PRO A 21 1.15 -3.56 18.38
CA PRO A 21 0.45 -4.40 19.35
C PRO A 21 -0.32 -3.52 20.33
N THR A 22 -1.38 -4.08 20.90
CA THR A 22 -2.15 -3.34 21.90
C THR A 22 -1.37 -3.45 23.21
N MET A 23 -1.74 -2.64 24.18
CA MET A 23 -1.10 -2.67 25.50
C MET A 23 -1.59 -3.96 26.15
N SER A 24 -1.04 -4.30 27.31
CA SER A 24 -1.44 -5.52 27.99
C SER A 24 -2.92 -5.55 28.33
N ASP A 25 -3.53 -4.37 28.53
CA ASP A 25 -4.94 -4.32 28.86
C ASP A 25 -5.86 -4.30 27.64
N GLY A 26 -5.27 -4.37 26.45
CA GLY A 26 -6.07 -4.40 25.24
C GLY A 26 -6.32 -3.06 24.59
N THR A 27 -5.89 -1.98 25.23
CA THR A 27 -6.08 -0.65 24.67
C THR A 27 -4.87 -0.22 23.84
N CYS A 28 -5.01 0.92 23.17
CA CYS A 28 -3.95 1.45 22.34
C CYS A 28 -3.23 2.60 23.03
N LYS A 29 -1.90 2.58 22.96
CA LYS A 29 -1.07 3.61 23.56
C LYS A 29 -1.50 5.01 23.14
N GLU A 30 -1.56 5.93 24.10
CA GLU A 30 -1.93 7.31 23.80
C GLU A 30 -0.73 8.04 23.19
N GLU A 31 -0.90 8.54 21.97
CA GLU A 31 0.17 9.26 21.29
C GLU A 31 -0.36 10.53 20.65
N PHE A 32 0.56 11.42 20.28
CA PHE A 32 0.18 12.69 19.68
C PHE A 32 0.94 12.98 18.39
N THR A 33 0.26 13.67 17.47
CA THR A 33 0.84 14.03 16.19
C THR A 33 1.87 15.13 16.34
N VAL A 34 2.39 15.60 15.21
CA VAL A 34 3.38 16.65 15.19
C VAL A 34 2.74 17.98 15.59
N ASN A 35 1.41 18.03 15.58
CA ASN A 35 0.66 19.23 15.93
C ASN A 35 0.21 19.22 17.39
N GLY A 36 0.41 18.09 18.06
CA GLY A 36 0.01 17.98 19.46
C GLY A 36 -1.37 17.37 19.61
N ASP A 37 -2.00 17.03 18.50
CA ASP A 37 -3.33 16.43 18.52
C ASP A 37 -3.22 14.93 18.78
N PRO A 38 -4.26 14.35 19.40
CA PRO A 38 -4.18 12.91 19.66
C PRO A 38 -4.15 12.13 18.36
N VAL A 39 -3.39 11.05 18.33
CA VAL A 39 -3.33 10.20 17.16
C VAL A 39 -4.57 9.31 17.26
N LYS A 40 -5.41 9.33 16.24
CA LYS A 40 -6.62 8.52 16.22
C LYS A 40 -6.27 7.06 15.94
N LYS A 41 -6.65 6.17 16.86
CA LYS A 41 -6.32 4.78 16.69
C LYS A 41 -7.56 3.89 16.66
N VAL A 42 -7.53 2.90 15.78
CA VAL A 42 -8.64 1.97 15.67
C VAL A 42 -8.12 0.57 15.91
N ILE A 43 -9.01 -0.31 16.38
CA ILE A 43 -8.63 -1.69 16.60
C ILE A 43 -8.78 -2.37 15.24
N CYS A 44 -7.77 -3.13 14.85
CA CYS A 44 -7.80 -3.86 13.60
C CYS A 44 -7.32 -5.26 13.88
N THR A 45 -8.17 -6.25 13.60
CA THR A 45 -7.80 -7.63 13.84
C THR A 45 -7.06 -8.18 12.64
N GLY A 46 -6.07 -9.03 12.89
CA GLY A 46 -5.32 -9.60 11.78
C GLY A 46 -4.16 -10.46 12.23
N PRO A 47 -3.45 -11.10 11.30
CA PRO A 47 -2.31 -11.93 11.66
C PRO A 47 -1.21 -11.15 12.36
N ASN A 48 -0.60 -11.77 13.37
CA ASN A 48 0.47 -11.14 14.13
C ASN A 48 1.82 -11.39 13.45
N SER A 54 6.43 -20.66 11.87
CA SER A 54 5.76 -20.55 13.15
C SER A 54 4.24 -20.42 12.97
N PRO A 55 3.46 -20.86 13.98
CA PRO A 55 2.00 -20.80 13.92
C PRO A 55 1.44 -19.41 13.64
N ARG A 56 0.42 -19.35 12.80
CA ARG A 56 -0.23 -18.09 12.45
C ARG A 56 -1.33 -17.82 13.47
N HIS A 57 -1.44 -16.57 13.90
CA HIS A 57 -2.46 -16.19 14.86
C HIS A 57 -3.08 -14.84 14.51
N THR A 58 -4.40 -14.75 14.64
CA THR A 58 -5.12 -13.51 14.35
C THR A 58 -5.51 -12.89 15.68
N VAL A 59 -5.10 -11.64 15.91
CA VAL A 59 -5.40 -10.95 17.16
C VAL A 59 -5.69 -9.48 16.96
N PRO A 60 -6.32 -8.83 17.95
CA PRO A 60 -6.64 -7.40 17.84
C PRO A 60 -5.34 -6.61 17.96
N GLN A 61 -5.15 -5.66 17.06
CA GLN A 61 -3.95 -4.82 17.04
C GLN A 61 -4.39 -3.37 16.91
N CYS A 62 -3.45 -2.44 17.00
CA CYS A 62 -3.76 -1.03 16.89
C CYS A 62 -3.31 -0.50 15.53
N CYS A 63 -4.21 0.18 14.85
CA CYS A 63 -3.94 0.75 13.53
C CYS A 63 -4.16 2.26 13.53
N TYR A 64 -3.32 2.97 12.77
CA TYR A 64 -3.44 4.42 12.65
C TYR A 64 -2.64 4.83 11.43
N GLY A 65 -2.79 6.08 11.03
CA GLY A 65 -2.07 6.57 9.87
C GLY A 65 -2.96 7.34 8.90
N PHE A 66 -2.38 7.73 7.77
CA PHE A 66 -3.10 8.50 6.76
C PHE A 66 -4.43 7.86 6.35
N CYS A 67 -4.40 6.56 6.04
CA CYS A 67 -5.63 5.90 5.62
C CYS A 67 -6.63 5.70 6.73
N ILE A 68 -6.16 5.56 7.96
CA ILE A 68 -7.08 5.40 9.07
C ILE A 68 -7.79 6.73 9.32
N ASP A 69 -7.06 7.84 9.21
CA ASP A 69 -7.67 9.15 9.38
C ASP A 69 -8.72 9.35 8.26
N LEU A 70 -8.39 8.90 7.06
CA LEU A 70 -9.31 9.03 5.94
C LEU A 70 -10.57 8.20 6.22
N LEU A 71 -10.38 6.98 6.72
CA LEU A 71 -11.50 6.11 7.04
C LEU A 71 -12.41 6.77 8.07
N ILE A 72 -11.81 7.34 9.11
CA ILE A 72 -12.59 8.00 10.14
C ILE A 72 -13.39 9.16 9.56
N LYS A 73 -12.79 9.91 8.64
CA LYS A 73 -13.49 11.02 8.01
C LYS A 73 -14.65 10.52 7.16
N LEU A 74 -14.40 9.49 6.36
CA LEU A 74 -15.44 8.92 5.51
C LEU A 74 -16.62 8.43 6.35
N ALA A 75 -16.32 7.67 7.39
CA ALA A 75 -17.36 7.12 8.25
C ALA A 75 -18.24 8.20 8.88
N ARG A 76 -17.63 9.32 9.27
CA ARG A 76 -18.38 10.41 9.85
C ARG A 76 -19.24 11.11 8.81
N THR A 77 -18.63 11.41 7.66
CA THR A 77 -19.32 12.09 6.57
C THR A 77 -20.48 11.32 5.98
N MET A 78 -20.32 10.00 5.89
CA MET A 78 -21.35 9.14 5.30
C MET A 78 -22.20 8.42 6.33
N ASN A 79 -21.97 8.73 7.61
CA ASN A 79 -22.73 8.15 8.70
C ASN A 79 -22.76 6.62 8.74
N PHE A 80 -21.61 5.96 8.68
CA PHE A 80 -21.60 4.51 8.77
C PHE A 80 -20.66 4.03 9.86
N THR A 81 -20.93 2.82 10.36
CA THR A 81 -20.09 2.23 11.39
C THR A 81 -19.25 1.18 10.68
N TYR A 82 -18.16 0.76 11.31
CA TYR A 82 -17.27 -0.18 10.67
C TYR A 82 -16.47 -1.04 11.64
N GLU A 83 -15.82 -2.06 11.08
CA GLU A 83 -14.93 -2.96 11.80
C GLU A 83 -13.75 -3.15 10.83
N VAL A 84 -12.54 -2.93 11.32
CA VAL A 84 -11.36 -3.04 10.47
C VAL A 84 -10.57 -4.32 10.70
N HIS A 85 -10.11 -4.93 9.62
CA HIS A 85 -9.26 -6.10 9.75
C HIS A 85 -8.17 -6.03 8.69
N LEU A 86 -7.04 -6.68 8.99
CA LEU A 86 -5.90 -6.73 8.09
C LEU A 86 -6.05 -7.93 7.16
N VAL A 87 -5.77 -7.72 5.87
CA VAL A 87 -5.90 -8.79 4.89
C VAL A 87 -5.17 -10.05 5.36
N ALA A 88 -5.89 -11.17 5.35
CA ALA A 88 -5.33 -12.43 5.83
C ALA A 88 -4.06 -12.91 5.14
N ASP A 89 -3.98 -12.76 3.82
CA ASP A 89 -2.77 -13.21 3.12
C ASP A 89 -1.69 -12.14 2.99
N GLY A 90 -1.94 -10.97 3.56
CA GLY A 90 -0.99 -9.87 3.53
C GLY A 90 -0.66 -9.25 2.17
N LYS A 91 -1.46 -9.51 1.15
CA LYS A 91 -1.18 -8.99 -0.19
C LYS A 91 -2.19 -7.94 -0.68
N PHE A 92 -1.79 -7.15 -1.68
CA PHE A 92 -2.68 -6.13 -2.23
C PHE A 92 -3.69 -6.79 -3.17
N GLY A 93 -3.18 -7.58 -4.11
CA GLY A 93 -4.09 -8.28 -5.00
C GLY A 93 -3.80 -8.36 -6.48
N THR A 94 -3.68 -9.59 -6.97
CA THR A 94 -3.49 -9.87 -8.40
C THR A 94 -4.40 -11.06 -8.67
N GLN A 95 -4.68 -11.30 -9.94
CA GLN A 95 -5.54 -12.41 -10.34
C GLN A 95 -4.71 -13.57 -10.83
N GLU A 96 -4.91 -14.74 -10.23
CA GLU A 96 -4.15 -15.92 -10.62
C GLU A 96 -5.04 -17.15 -10.67
N ARG A 97 -4.55 -18.18 -11.36
CA ARG A 97 -5.29 -19.44 -11.43
C ARG A 97 -5.16 -20.05 -10.05
N VAL A 98 -6.20 -20.70 -9.58
CA VAL A 98 -6.15 -21.32 -8.26
C VAL A 98 -6.45 -22.80 -8.31
N ASN A 99 -6.06 -23.46 -7.23
CA ASN A 99 -6.27 -24.89 -7.05
C ASN A 99 -5.78 -25.72 -8.24
N ASN A 100 -4.71 -25.26 -8.87
CA ASN A 100 -4.12 -25.94 -10.01
C ASN A 100 -5.12 -26.19 -11.15
N SER A 101 -6.06 -25.27 -11.30
CA SER A 101 -7.08 -25.37 -12.35
C SER A 101 -6.99 -24.15 -13.24
N ASN A 102 -7.98 -23.96 -14.10
CA ASN A 102 -7.98 -22.78 -14.96
C ASN A 102 -8.93 -21.71 -14.43
N LYS A 103 -9.49 -21.96 -13.24
CA LYS A 103 -10.37 -21.00 -12.62
C LYS A 103 -9.48 -19.91 -12.02
N LYS A 104 -9.82 -18.66 -12.28
CA LYS A 104 -9.03 -17.55 -11.75
C LYS A 104 -9.75 -16.85 -10.62
N GLU A 105 -8.98 -16.42 -9.62
CA GLU A 105 -9.52 -15.72 -8.47
C GLU A 105 -8.51 -14.65 -8.06
N TRP A 106 -8.98 -13.61 -7.40
CA TRP A 106 -8.09 -12.57 -6.94
C TRP A 106 -7.62 -12.92 -5.54
N ASN A 107 -6.38 -12.59 -5.22
CA ASN A 107 -5.84 -12.82 -3.89
C ASN A 107 -5.80 -11.46 -3.20
N GLY A 108 -5.19 -11.39 -2.03
CA GLY A 108 -5.09 -10.13 -1.31
C GLY A 108 -6.41 -9.44 -0.98
N MET A 109 -6.36 -8.13 -0.84
CA MET A 109 -7.53 -7.34 -0.51
C MET A 109 -8.57 -7.39 -1.61
N MET A 110 -8.11 -7.50 -2.86
CA MET A 110 -9.02 -7.62 -3.99
C MET A 110 -9.90 -8.87 -3.80
N GLY A 111 -9.25 -9.98 -3.47
CA GLY A 111 -9.98 -11.22 -3.26
C GLY A 111 -10.97 -11.16 -2.11
N GLU A 112 -10.59 -10.50 -1.02
CA GLU A 112 -11.47 -10.39 0.13
C GLU A 112 -12.68 -9.50 -0.17
N LEU A 113 -12.50 -8.48 -0.99
CA LEU A 113 -13.60 -7.60 -1.33
C LEU A 113 -14.60 -8.35 -2.24
N LEU A 114 -14.06 -9.07 -3.21
CA LEU A 114 -14.91 -9.83 -4.14
C LEU A 114 -15.62 -11.01 -3.47
N SER A 115 -15.02 -11.57 -2.42
CA SER A 115 -15.62 -12.71 -1.73
C SER A 115 -16.67 -12.28 -0.70
N GLY A 116 -16.63 -11.02 -0.29
CA GLY A 116 -17.57 -10.55 0.70
C GLY A 116 -16.95 -10.49 2.09
N GLN A 117 -15.69 -10.90 2.21
CA GLN A 117 -15.00 -10.86 3.50
C GLN A 117 -14.80 -9.40 3.91
N ALA A 118 -14.85 -8.51 2.92
CA ALA A 118 -14.72 -7.08 3.14
C ALA A 118 -15.77 -6.40 2.29
N ASP A 119 -16.20 -5.22 2.72
CA ASP A 119 -17.19 -4.43 1.99
C ASP A 119 -16.50 -3.23 1.34
N MET A 120 -15.35 -2.86 1.87
CA MET A 120 -14.61 -1.73 1.35
C MET A 120 -13.13 -1.91 1.63
N ILE A 121 -12.29 -1.50 0.68
CA ILE A 121 -10.84 -1.58 0.86
C ILE A 121 -10.40 -0.14 1.11
N VAL A 122 -9.82 0.09 2.28
CA VAL A 122 -9.33 1.44 2.60
C VAL A 122 -7.84 1.25 2.89
N ALA A 123 -7.04 1.56 1.88
CA ALA A 123 -5.60 1.38 1.96
C ALA A 123 -4.97 2.06 0.75
N PRO A 124 -3.63 2.04 0.65
CA PRO A 124 -2.99 2.67 -0.50
C PRO A 124 -3.10 1.67 -1.67
N LEU A 125 -4.31 1.56 -2.19
CA LEU A 125 -4.65 0.65 -3.28
C LEU A 125 -4.59 1.33 -4.64
N THR A 126 -3.70 0.83 -5.49
CA THR A 126 -3.54 1.40 -6.82
C THR A 126 -4.72 1.13 -7.75
N ILE A 127 -5.18 2.21 -8.39
CA ILE A 127 -6.26 2.14 -9.35
C ILE A 127 -5.67 1.74 -10.71
N ASN A 128 -6.17 0.66 -11.30
CA ASN A 128 -5.70 0.29 -12.64
C ASN A 128 -6.83 -0.40 -13.40
N ASN A 129 -6.69 -0.46 -14.72
CA ASN A 129 -7.70 -1.06 -15.58
C ASN A 129 -8.01 -2.52 -15.23
N GLU A 130 -6.96 -3.30 -14.95
CA GLU A 130 -7.12 -4.70 -14.62
C GLU A 130 -8.07 -4.92 -13.45
N ARG A 131 -7.86 -4.18 -12.36
CA ARG A 131 -8.70 -4.28 -11.18
C ARG A 131 -10.08 -3.67 -11.42
N ALA A 132 -10.13 -2.59 -12.19
CA ALA A 132 -11.39 -1.91 -12.48
C ALA A 132 -12.36 -2.79 -13.27
N GLN A 133 -11.86 -3.89 -13.83
CA GLN A 133 -12.72 -4.79 -14.57
C GLN A 133 -13.55 -5.63 -13.59
N TYR A 134 -13.08 -5.70 -12.35
CA TYR A 134 -13.75 -6.51 -11.34
C TYR A 134 -14.37 -5.75 -10.18
N ILE A 135 -13.82 -4.59 -9.84
CA ILE A 135 -14.33 -3.78 -8.74
C ILE A 135 -14.49 -2.33 -9.17
N GLU A 136 -15.00 -1.50 -8.27
CA GLU A 136 -15.19 -0.09 -8.53
C GLU A 136 -14.26 0.69 -7.60
N PHE A 137 -13.67 1.75 -8.14
CA PHE A 137 -12.79 2.62 -7.37
C PHE A 137 -13.39 4.00 -7.24
N SER A 138 -13.09 4.67 -6.14
CA SER A 138 -13.49 6.06 -5.95
C SER A 138 -12.48 6.83 -6.78
N LYS A 139 -12.69 8.13 -6.93
CA LYS A 139 -11.69 8.95 -7.61
C LYS A 139 -10.46 8.87 -6.67
N PRO A 140 -9.27 9.14 -7.20
CA PRO A 140 -8.05 9.08 -6.39
C PRO A 140 -8.02 9.97 -5.15
N PHE A 141 -7.57 9.41 -4.03
CA PHE A 141 -7.43 10.23 -2.83
C PHE A 141 -5.96 10.68 -2.72
N LYS A 142 -5.10 10.12 -3.57
CA LYS A 142 -3.69 10.47 -3.62
C LYS A 142 -3.14 10.20 -5.02
N TYR A 143 -2.30 11.13 -5.52
CA TYR A 143 -1.72 10.99 -6.85
C TYR A 143 -0.25 10.62 -6.65
N GLN A 144 0.19 9.56 -7.30
CA GLN A 144 1.57 9.13 -7.17
C GLN A 144 2.00 8.29 -8.36
N GLY A 145 2.98 7.43 -8.16
CA GLY A 145 3.45 6.58 -9.24
C GLY A 145 4.44 5.58 -8.69
N LEU A 146 5.25 4.99 -9.57
CA LEU A 146 6.25 4.03 -9.13
C LEU A 146 7.62 4.67 -9.19
N THR A 147 8.48 4.27 -8.27
CA THR A 147 9.84 4.74 -8.25
C THR A 147 10.73 3.62 -7.72
N ILE A 148 12.00 3.92 -7.49
CA ILE A 148 12.96 2.93 -7.03
C ILE A 148 13.71 3.37 -5.80
N LEU A 149 13.81 2.48 -4.82
CA LEU A 149 14.51 2.74 -3.56
C LEU A 149 15.86 2.02 -3.58
N VAL A 150 16.91 2.75 -3.25
CA VAL A 150 18.26 2.19 -3.21
C VAL A 150 18.99 2.73 -2.00
N LYS A 151 20.15 2.16 -1.69
CA LYS A 151 20.96 2.63 -0.58
C LYS A 151 21.66 3.91 -1.05
N LYS A 152 21.83 4.88 -0.16
CA LYS A 152 22.50 6.12 -0.51
C LYS A 152 23.84 5.80 -1.16
N GLY A 153 24.13 6.43 -2.30
CA GLY A 153 25.38 6.17 -2.99
C GLY A 153 25.24 5.34 -4.25
N THR A 154 24.22 4.49 -4.29
CA THR A 154 23.98 3.65 -5.47
C THR A 154 23.54 4.52 -6.63
N ARG A 155 24.14 4.30 -7.80
CA ARG A 155 23.82 5.08 -8.98
C ARG A 155 22.98 4.34 -10.03
N ILE A 156 21.73 4.77 -10.16
CA ILE A 156 20.81 4.19 -11.14
C ILE A 156 19.98 5.32 -11.75
N THR A 157 19.82 5.29 -13.06
CA THR A 157 19.09 6.32 -13.80
C THR A 157 17.58 6.23 -13.69
N GLY A 158 17.06 5.02 -13.59
CA GLY A 158 15.63 4.82 -13.51
C GLY A 158 15.28 3.42 -13.97
N ILE A 159 14.05 3.23 -14.40
CA ILE A 159 13.61 1.92 -14.85
C ILE A 159 14.26 1.49 -16.17
N ASN A 160 14.97 2.41 -16.82
CA ASN A 160 15.63 2.10 -18.08
C ASN A 160 17.14 1.90 -17.89
N ASP A 161 17.58 1.90 -16.64
CA ASP A 161 19.00 1.72 -16.35
C ASP A 161 19.46 0.36 -16.83
N PRO A 162 20.67 0.27 -17.42
CA PRO A 162 21.18 -1.02 -17.90
C PRO A 162 21.23 -2.14 -16.86
N ARG A 163 21.46 -1.80 -15.58
CA ARG A 163 21.53 -2.83 -14.56
C ARG A 163 20.15 -3.42 -14.27
N LEU A 164 19.12 -2.78 -14.80
CA LEU A 164 17.76 -3.27 -14.64
C LEU A 164 17.35 -3.97 -15.95
N ARG A 165 17.66 -3.33 -17.07
CA ARG A 165 17.32 -3.87 -18.39
C ARG A 165 18.17 -5.07 -18.80
N ASN A 166 19.40 -5.13 -18.31
CA ASN A 166 20.31 -6.23 -18.61
C ASN A 166 20.78 -6.81 -17.28
N PRO A 167 19.86 -7.47 -16.55
CA PRO A 167 20.05 -8.10 -15.24
C PRO A 167 21.27 -8.99 -15.07
N SER A 168 21.87 -8.89 -13.88
CA SER A 168 23.05 -9.67 -13.51
C SER A 168 23.01 -9.89 -12.00
N ASP A 169 23.63 -10.97 -11.55
CA ASP A 169 23.65 -11.29 -10.12
C ASP A 169 24.49 -10.30 -9.34
N LYS A 170 25.08 -9.34 -10.03
CA LYS A 170 25.92 -8.33 -9.39
C LYS A 170 25.07 -7.18 -8.85
N PHE A 171 23.83 -7.07 -9.34
CA PHE A 171 22.92 -6.02 -8.90
C PHE A 171 21.52 -6.61 -8.82
N ILE A 172 21.06 -6.90 -7.61
CA ILE A 172 19.75 -7.50 -7.42
C ILE A 172 18.64 -6.49 -7.18
N TYR A 173 17.55 -6.62 -7.94
CA TYR A 173 16.40 -5.75 -7.77
C TYR A 173 15.13 -6.58 -7.72
N ALA A 174 14.13 -6.06 -7.01
CA ALA A 174 12.89 -6.81 -6.86
C ALA A 174 11.76 -5.92 -6.40
N THR A 175 10.60 -6.53 -6.20
CA THR A 175 9.43 -5.83 -5.71
C THR A 175 8.72 -6.75 -4.72
N VAL A 176 7.49 -6.44 -4.37
CA VAL A 176 6.70 -7.27 -3.46
C VAL A 176 5.74 -8.04 -4.35
N LYS A 177 5.59 -9.33 -4.09
CA LYS A 177 4.72 -10.16 -4.90
C LYS A 177 3.24 -9.83 -4.80
N GLN A 178 2.52 -10.18 -5.86
CA GLN A 178 1.07 -10.00 -5.94
C GLN A 178 0.59 -8.57 -5.67
N SER A 179 1.25 -7.62 -6.33
CA SER A 179 0.91 -6.21 -6.20
C SER A 179 0.71 -5.64 -7.60
N SER A 180 0.39 -4.36 -7.70
CA SER A 180 0.19 -3.75 -9.01
C SER A 180 1.48 -3.68 -9.83
N VAL A 181 2.64 -3.84 -9.20
CA VAL A 181 3.90 -3.80 -9.95
C VAL A 181 3.95 -4.97 -10.93
N ASP A 182 3.38 -6.10 -10.51
CA ASP A 182 3.31 -7.30 -11.35
C ASP A 182 2.40 -6.97 -12.54
N ILE A 183 1.21 -6.45 -12.24
CA ILE A 183 0.24 -6.06 -13.26
C ILE A 183 0.87 -5.17 -14.32
N TYR A 184 1.56 -4.12 -13.87
CA TYR A 184 2.21 -3.17 -14.77
C TYR A 184 3.28 -3.77 -15.66
N PHE A 185 4.14 -4.59 -15.06
CA PHE A 185 5.22 -5.20 -15.82
C PHE A 185 4.76 -6.29 -16.77
N ARG A 186 3.57 -6.83 -16.54
CA ARG A 186 3.02 -7.88 -17.40
C ARG A 186 2.32 -7.26 -18.61
N ARG A 187 2.53 -5.97 -18.81
CA ARG A 187 1.92 -5.24 -19.91
C ARG A 187 2.92 -4.91 -21.02
N GLN A 188 4.18 -5.22 -20.79
CA GLN A 188 5.24 -4.97 -21.76
C GLN A 188 6.17 -6.18 -21.82
N VAL A 189 6.61 -6.53 -23.03
CA VAL A 189 7.49 -7.68 -23.21
C VAL A 189 8.81 -7.53 -22.44
N GLU A 190 9.48 -6.40 -22.62
CA GLU A 190 10.74 -6.14 -21.94
C GLU A 190 10.56 -6.18 -20.42
N LEU A 191 9.50 -5.54 -19.94
CA LEU A 191 9.22 -5.51 -18.51
C LEU A 191 8.82 -6.91 -18.04
N SER A 192 8.22 -7.68 -18.94
CA SER A 192 7.79 -9.04 -18.60
C SER A 192 9.01 -9.89 -18.29
N THR A 193 10.04 -9.76 -19.12
CA THR A 193 11.28 -10.50 -18.94
C THR A 193 11.88 -10.10 -17.60
N MET A 194 11.96 -8.79 -17.37
CA MET A 194 12.51 -8.25 -16.14
C MET A 194 11.74 -8.77 -14.92
N TYR A 195 10.43 -8.89 -15.05
CA TYR A 195 9.64 -9.37 -13.93
C TYR A 195 9.91 -10.83 -13.63
N ARG A 196 10.13 -11.61 -14.68
CA ARG A 196 10.42 -13.04 -14.50
C ARG A 196 11.69 -13.16 -13.68
N HIS A 197 12.63 -12.25 -13.91
CA HIS A 197 13.91 -12.24 -13.22
C HIS A 197 13.69 -11.75 -11.78
N MET A 198 12.79 -10.78 -11.62
CA MET A 198 12.48 -10.25 -10.29
C MET A 198 11.79 -11.32 -9.46
N GLU A 199 10.94 -12.11 -10.13
CA GLU A 199 10.19 -13.17 -9.47
C GLU A 199 11.05 -14.03 -8.56
N LYS A 200 12.31 -14.23 -8.94
CA LYS A 200 13.23 -15.03 -8.15
C LYS A 200 13.69 -14.32 -6.87
N HIS A 201 13.42 -13.03 -6.77
CA HIS A 201 13.86 -12.26 -5.61
C HIS A 201 12.75 -11.48 -4.89
N ASN A 202 11.56 -11.46 -5.46
CA ASN A 202 10.46 -10.70 -4.84
C ASN A 202 10.21 -11.04 -3.38
N TYR A 203 9.78 -10.03 -2.63
CA TYR A 203 9.51 -10.16 -1.20
C TYR A 203 8.03 -10.29 -0.87
N GLU A 204 7.74 -10.71 0.36
CA GLU A 204 6.36 -10.89 0.82
C GLU A 204 5.70 -9.58 1.26
N SER A 205 6.50 -8.63 1.71
CA SER A 205 5.95 -7.34 2.14
C SER A 205 6.92 -6.22 1.85
N ALA A 206 6.39 -5.01 1.76
CA ALA A 206 7.22 -3.84 1.48
C ALA A 206 8.23 -3.63 2.60
N ALA A 207 7.80 -3.80 3.85
CA ALA A 207 8.70 -3.62 4.98
C ALA A 207 9.94 -4.52 4.87
N GLU A 208 9.74 -5.77 4.46
CA GLU A 208 10.84 -6.71 4.33
C GLU A 208 11.79 -6.34 3.19
N ALA A 209 11.23 -5.82 2.09
CA ALA A 209 12.07 -5.43 0.97
C ALA A 209 12.90 -4.20 1.34
N ILE A 210 12.26 -3.25 2.03
CA ILE A 210 12.96 -2.04 2.44
C ILE A 210 14.10 -2.38 3.40
N GLN A 211 13.84 -3.31 4.33
CA GLN A 211 14.86 -3.73 5.29
C GLN A 211 16.02 -4.38 4.53
N ALA A 212 15.69 -5.13 3.48
CA ALA A 212 16.69 -5.80 2.67
C ALA A 212 17.60 -4.79 1.98
N VAL A 213 17.05 -3.66 1.57
CA VAL A 213 17.87 -2.64 0.93
C VAL A 213 18.83 -2.05 1.98
N ARG A 214 18.31 -1.78 3.17
CA ARG A 214 19.15 -1.22 4.22
C ARG A 214 20.30 -2.17 4.55
N ASP A 215 19.98 -3.47 4.61
CA ASP A 215 20.97 -4.49 4.94
C ASP A 215 21.86 -4.90 3.78
N ASN A 216 21.76 -4.21 2.66
CA ASN A 216 22.57 -4.50 1.48
C ASN A 216 22.36 -5.91 0.94
N LYS A 217 21.15 -6.44 1.08
CA LYS A 217 20.82 -7.77 0.58
C LYS A 217 20.01 -7.62 -0.71
N LEU A 218 19.45 -6.44 -0.90
CA LEU A 218 18.66 -6.11 -2.08
C LEU A 218 19.22 -4.76 -2.56
N HIS A 219 19.60 -4.67 -3.82
CA HIS A 219 20.17 -3.42 -4.33
C HIS A 219 19.16 -2.37 -4.76
N ALA A 220 17.99 -2.80 -5.23
CA ALA A 220 16.96 -1.85 -5.64
C ALA A 220 15.59 -2.46 -5.43
N PHE A 221 14.68 -1.64 -4.91
CA PHE A 221 13.30 -2.07 -4.63
C PHE A 221 12.36 -1.15 -5.43
N ILE A 222 11.57 -1.75 -6.33
CA ILE A 222 10.63 -1.01 -7.16
C ILE A 222 9.28 -1.03 -6.45
N TRP A 223 8.74 0.15 -6.16
CA TRP A 223 7.47 0.24 -5.42
C TRP A 223 6.80 1.61 -5.53
N ASP A 224 5.67 1.77 -4.85
CA ASP A 224 4.93 3.03 -4.86
C ASP A 224 5.76 4.19 -4.34
N SER A 225 5.77 5.28 -5.10
CA SER A 225 6.53 6.46 -4.69
C SER A 225 6.00 7.07 -3.41
N ALA A 226 4.69 7.02 -3.16
CA ALA A 226 4.16 7.62 -1.94
C ALA A 226 4.80 6.94 -0.74
N VAL A 227 4.97 5.63 -0.81
CA VAL A 227 5.58 4.88 0.27
C VAL A 227 7.10 5.03 0.30
N LEU A 228 7.74 4.86 -0.86
CA LEU A 228 9.20 4.95 -0.92
C LEU A 228 9.76 6.32 -0.61
N GLU A 229 9.09 7.39 -1.04
CA GLU A 229 9.61 8.71 -0.74
C GLU A 229 9.49 8.97 0.75
N PHE A 230 8.46 8.42 1.38
CA PHE A 230 8.33 8.60 2.82
C PHE A 230 9.45 7.86 3.52
N GLU A 231 9.63 6.59 3.17
CA GLU A 231 10.68 5.78 3.79
C GLU A 231 12.04 6.44 3.60
N ALA A 232 12.32 6.87 2.39
CA ALA A 232 13.60 7.50 2.12
C ALA A 232 13.74 8.81 2.89
N SER A 233 12.65 9.54 3.10
CA SER A 233 12.74 10.81 3.83
C SER A 233 12.97 10.62 5.33
N GLN A 234 12.68 9.42 5.83
CA GLN A 234 12.84 9.16 7.25
C GLN A 234 14.14 8.43 7.59
N LYS A 235 14.78 7.85 6.58
CA LYS A 235 16.00 7.09 6.81
C LYS A 235 17.09 7.66 5.92
N CYS A 236 18.03 8.36 6.55
CA CYS A 236 19.10 9.03 5.84
C CYS A 236 19.97 8.10 4.98
N ASP A 237 19.89 6.80 5.21
CA ASP A 237 20.68 5.83 4.46
C ASP A 237 19.97 5.31 3.19
N LEU A 238 18.72 5.69 3.02
CA LEU A 238 17.94 5.25 1.87
C LEU A 238 17.50 6.43 1.01
N VAL A 239 17.54 6.26 -0.30
CA VAL A 239 17.11 7.33 -1.19
C VAL A 239 16.28 6.75 -2.33
N THR A 240 15.55 7.60 -3.02
CA THR A 240 14.80 7.16 -4.19
C THR A 240 15.57 7.67 -5.39
N THR A 241 15.43 7.02 -6.53
CA THR A 241 16.19 7.43 -7.70
C THR A 241 15.42 7.23 -9.00
N GLY A 242 15.76 8.04 -9.99
CA GLY A 242 15.10 7.96 -11.28
C GLY A 242 13.78 8.71 -11.32
N GLU A 243 13.22 8.84 -12.52
CA GLU A 243 11.95 9.53 -12.68
C GLU A 243 10.82 8.56 -12.37
N LEU A 244 9.72 9.08 -11.86
CA LEU A 244 8.57 8.23 -11.55
C LEU A 244 8.03 7.67 -12.85
N PHE A 245 7.52 6.44 -12.80
CA PHE A 245 6.91 5.83 -13.98
C PHE A 245 5.61 5.16 -13.55
N PHE A 246 4.75 4.87 -14.53
CA PHE A 246 3.45 4.27 -14.26
C PHE A 246 2.71 5.13 -13.24
N ARG A 247 2.58 6.41 -13.53
CA ARG A 247 1.86 7.32 -12.63
C ARG A 247 0.47 6.76 -12.44
N SER A 248 -0.02 6.82 -11.20
CA SER A 248 -1.33 6.30 -10.90
C SER A 248 -1.78 6.87 -9.59
N GLY A 249 -3.02 6.59 -9.23
CA GLY A 249 -3.52 7.10 -7.97
C GLY A 249 -4.01 5.96 -7.08
N PHE A 250 -4.20 6.28 -5.81
CA PHE A 250 -4.74 5.32 -4.86
C PHE A 250 -6.22 5.64 -4.72
N GLY A 251 -7.04 4.60 -4.64
CA GLY A 251 -8.46 4.85 -4.47
C GLY A 251 -9.07 3.88 -3.49
N ILE A 252 -10.27 4.20 -3.04
CA ILE A 252 -11.04 3.33 -2.14
C ILE A 252 -11.66 2.27 -3.06
N GLY A 253 -11.63 1.01 -2.65
CA GLY A 253 -12.19 -0.05 -3.46
C GLY A 253 -13.50 -0.58 -2.92
N MET A 254 -14.45 -0.79 -3.82
CA MET A 254 -15.78 -1.30 -3.45
C MET A 254 -16.25 -2.26 -4.54
N ARG A 255 -17.21 -3.11 -4.22
CA ARG A 255 -17.72 -4.02 -5.23
C ARG A 255 -18.52 -3.23 -6.27
N LYS A 256 -18.65 -3.78 -7.47
CA LYS A 256 -19.41 -3.12 -8.52
C LYS A 256 -20.83 -2.83 -8.05
N ASP A 257 -21.36 -1.69 -8.49
CA ASP A 257 -22.72 -1.27 -8.15
C ASP A 257 -22.96 -1.14 -6.65
N SER A 258 -21.95 -0.65 -5.95
CA SER A 258 -22.03 -0.45 -4.50
C SER A 258 -22.87 0.78 -4.19
N PRO A 259 -23.52 0.81 -3.02
CA PRO A 259 -24.34 1.97 -2.66
C PRO A 259 -23.47 3.08 -2.06
N TRP A 260 -22.16 2.85 -2.02
CA TRP A 260 -21.24 3.82 -1.44
C TRP A 260 -20.34 4.59 -2.41
N LYS A 261 -20.17 4.09 -3.62
CA LYS A 261 -19.27 4.74 -4.57
C LYS A 261 -19.43 6.25 -4.77
N GLN A 262 -20.64 6.70 -5.10
CA GLN A 262 -20.86 8.12 -5.34
C GLN A 262 -20.51 8.98 -4.12
N ASN A 263 -20.98 8.56 -2.95
CA ASN A 263 -20.71 9.33 -1.74
C ASN A 263 -19.26 9.30 -1.30
N VAL A 264 -18.57 8.20 -1.57
CA VAL A 264 -17.16 8.12 -1.20
C VAL A 264 -16.39 9.10 -2.08
N SER A 265 -16.63 9.07 -3.39
CA SER A 265 -15.94 9.98 -4.28
C SER A 265 -16.29 11.43 -3.94
N LEU A 266 -17.52 11.67 -3.49
CA LEU A 266 -17.94 13.02 -3.10
C LEU A 266 -17.13 13.50 -1.89
N SER A 267 -16.94 12.61 -0.92
CA SER A 267 -16.17 12.96 0.27
C SER A 267 -14.72 13.23 -0.11
N ILE A 268 -14.17 12.42 -1.00
CA ILE A 268 -12.79 12.60 -1.44
C ILE A 268 -12.62 13.93 -2.18
N LEU A 269 -13.60 14.27 -3.02
CA LEU A 269 -13.55 15.54 -3.74
C LEU A 269 -13.51 16.68 -2.74
N LYS A 270 -14.43 16.67 -1.77
CA LYS A 270 -14.45 17.72 -0.77
C LYS A 270 -13.13 17.81 -0.02
N SER A 271 -12.52 16.66 0.31
CA SER A 271 -11.27 16.66 1.03
C SER A 271 -10.12 17.23 0.20
N HIS A 272 -10.20 17.11 -1.12
CA HIS A 272 -9.16 17.69 -1.98
C HIS A 272 -9.40 19.19 -2.08
N GLU A 273 -10.65 19.62 -1.88
CA GLU A 273 -11.00 21.04 -1.98
C GLU A 273 -10.74 21.89 -0.74
N ASN A 274 -10.94 21.32 0.43
CA ASN A 274 -10.85 22.09 1.67
C ASN A 274 -9.58 21.99 2.51
N GLY A 275 -8.55 21.36 1.97
CA GLY A 275 -7.31 21.24 2.71
C GLY A 275 -7.18 20.01 3.58
N PHE A 276 -8.22 19.19 3.67
CA PHE A 276 -8.14 18.00 4.53
C PHE A 276 -7.06 17.04 4.06
N MET A 277 -7.00 16.76 2.76
CA MET A 277 -5.98 15.85 2.25
C MET A 277 -4.59 16.44 2.44
N GLU A 278 -4.45 17.74 2.21
CA GLU A 278 -3.17 18.41 2.38
C GLU A 278 -2.74 18.33 3.84
N ASP A 279 -3.70 18.45 4.75
CA ASP A 279 -3.40 18.36 6.19
C ASP A 279 -2.91 16.95 6.53
N LEU A 280 -3.47 15.94 5.89
CA LEU A 280 -3.01 14.58 6.15
C LEU A 280 -1.55 14.43 5.72
N ASP A 281 -1.18 15.07 4.61
CA ASP A 281 0.21 15.00 4.17
C ASP A 281 1.14 15.66 5.18
N LYS A 282 0.73 16.80 5.74
CA LYS A 282 1.55 17.49 6.72
C LYS A 282 1.60 16.75 8.07
N THR A 283 0.66 15.86 8.29
CA THR A 283 0.63 15.10 9.54
C THR A 283 1.39 13.79 9.43
N TRP A 284 1.24 13.13 8.29
CA TRP A 284 1.80 11.80 8.10
C TRP A 284 2.95 11.61 7.12
N VAL A 285 3.17 12.60 6.26
CA VAL A 285 4.20 12.44 5.24
C VAL A 285 5.37 13.41 5.29
N ARG A 286 5.09 14.72 5.29
CA ARG A 286 6.15 15.72 5.32
C ARG A 286 6.08 16.52 6.61
N TYR A 287 6.88 16.15 7.60
CA TYR A 287 6.81 16.84 8.88
C TYR A 287 8.09 16.86 9.71
N GLN A 288 9.07 16.04 9.35
CA GLN A 288 10.32 15.99 10.11
C GLN A 288 11.48 15.47 9.28
N GLU A 289 12.70 15.70 9.77
CA GLU A 289 13.89 15.22 9.08
C GLU A 289 14.17 13.76 9.38
N CYS A 290 15.08 13.16 8.62
CA CYS A 290 15.42 11.75 8.76
C CYS A 290 16.14 11.49 10.09
N ASP A 291 15.90 10.31 10.65
CA ASP A 291 16.53 9.91 11.90
C ASP A 291 16.09 8.51 12.26
N 192 B . -0.35 0.17 -4.25
O 192 B . -0.87 -3.15 -5.47
CA 192 B . 0.10 -1.15 -4.72
C 192 B . -1.15 -1.96 -5.03
CB1 192 B . 1.11 -1.06 -5.89
CG 192 B . 2.23 -1.45 -4.95
CB2 192 B . 1.20 -1.85 -3.87
OXT 192 B . -2.24 -1.53 -4.89
#